data_4XAT
#
_entry.id   4XAT
#
_cell.length_a   39.681
_cell.length_b   68.016
_cell.length_c   95.659
_cell.angle_alpha   90.00
_cell.angle_beta   90.00
_cell.angle_gamma   90.00
#
_symmetry.space_group_name_H-M   'P 21 21 21'
#
loop_
_entity.id
_entity.type
_entity.pdbx_description
1 polymer Noelin
2 non-polymer 'CALCIUM ION'
3 non-polymer GLYCEROL
4 non-polymer 'SODIUM ION'
5 water water
#
_entity_poly.entity_id   1
_entity_poly.type   'polypeptide(L)'
_entity_poly.pdbx_seq_one_letter_code
;LRAGMQKLACGKLTGISDPVTVKTSGSRFGSWMTDPLAPEGDNRVWYMDGYHNNRFVREYKSMVDFMNTDNFTSHRLPHP
WSGTGQVVYNGSIYFNKFQSHIIIRFDLKTETILKTRSLDYAGYNNMYHYAWGGHSDIDLMVDESGLWAVYATNQNAGNI
VVSRLDPVSLQTLQTWNTSYPKRSAGEAFIICGTLYVTNGYSGGTKVHYAYQTNASTYEYIDIPFQNKYSHISMLDYNPK
DRALYAWNNGHQILYNVTLFHVIRSDEL
;
_entity_poly.pdbx_strand_id   A
#
# COMPACT_ATOMS: atom_id res chain seq x y z
N LEU A 8 -18.54 -4.59 -11.94
CA LEU A 8 -19.36 -5.66 -11.39
C LEU A 8 -18.72 -7.01 -11.66
N ALA A 9 -18.17 -7.14 -12.85
CA ALA A 9 -17.43 -8.34 -13.22
C ALA A 9 -16.19 -8.47 -12.34
N CYS A 10 -15.46 -7.36 -12.16
CA CYS A 10 -14.14 -7.37 -11.53
C CYS A 10 -14.23 -7.87 -10.10
N GLY A 11 -15.22 -7.40 -9.35
CA GLY A 11 -15.48 -7.96 -8.04
C GLY A 11 -15.61 -7.00 -6.86
N LYS A 12 -16.43 -7.39 -5.90
CA LYS A 12 -16.67 -6.62 -4.68
C LYS A 12 -16.15 -7.43 -3.50
N LEU A 13 -15.39 -6.81 -2.62
CA LEU A 13 -14.87 -7.50 -1.44
C LEU A 13 -16.02 -7.99 -0.56
N THR A 14 -16.00 -9.25 -0.14
CA THR A 14 -17.04 -9.73 0.76
C THR A 14 -16.43 -10.35 2.01
N GLY A 15 -15.14 -10.63 1.96
CA GLY A 15 -14.51 -11.35 3.07
C GLY A 15 -13.01 -11.34 3.05
N ILE A 16 -12.44 -11.25 4.24
CA ILE A 16 -11.01 -11.33 4.47
C ILE A 16 -10.70 -12.58 5.30
N SER A 17 -9.70 -13.35 4.88
CA SER A 17 -9.36 -14.63 5.50
C SER A 17 -8.67 -14.47 6.84
N ASP A 18 -8.42 -15.60 7.51
CA ASP A 18 -7.50 -15.64 8.64
C ASP A 18 -6.11 -15.14 8.19
N PRO A 19 -5.43 -14.38 9.05
CA PRO A 19 -4.05 -13.94 8.74
C PRO A 19 -3.10 -15.12 8.67
N VAL A 20 -2.23 -15.10 7.67
CA VAL A 20 -1.22 -16.11 7.47
C VAL A 20 0.14 -15.44 7.74
N THR A 21 0.87 -15.98 8.71
CA THR A 21 2.18 -15.43 9.06
C THR A 21 3.22 -16.03 8.12
N VAL A 22 3.94 -15.18 7.40
CA VAL A 22 4.87 -15.64 6.40
C VAL A 22 6.31 -15.57 6.93
N LYS A 23 6.51 -14.59 7.81
CA LYS A 23 7.83 -14.36 8.41
C LYS A 23 7.74 -13.50 9.65
N THR A 24 8.63 -13.76 10.60
CA THR A 24 8.83 -12.87 11.73
C THR A 24 10.18 -12.21 11.55
N SER A 25 10.20 -10.89 11.35
CA SER A 25 11.45 -10.19 11.03
C SER A 25 11.30 -8.67 11.06
N GLY A 26 12.40 -7.97 11.33
CA GLY A 26 12.46 -6.54 11.12
C GLY A 26 11.84 -5.76 12.27
N SER A 27 11.79 -4.44 12.13
CA SER A 27 11.27 -3.59 13.20
C SER A 27 9.75 -3.65 13.28
N ARG A 28 9.19 -2.81 14.14
CA ARG A 28 7.76 -2.80 14.37
C ARG A 28 7.01 -2.37 13.12
N PHE A 29 7.64 -1.53 12.31
CA PHE A 29 6.98 -0.84 11.21
C PHE A 29 7.74 -1.05 9.90
N GLY A 30 7.01 -1.33 8.83
CA GLY A 30 7.65 -1.56 7.54
C GLY A 30 6.65 -1.97 6.48
N SER A 31 7.15 -2.48 5.37
CA SER A 31 6.26 -2.94 4.31
C SER A 31 6.91 -4.08 3.57
N TRP A 32 6.11 -4.92 2.94
CA TRP A 32 6.65 -6.00 2.12
C TRP A 32 5.61 -6.25 1.04
N MET A 33 6.04 -6.78 -0.11
CA MET A 33 5.20 -6.86 -1.28
C MET A 33 5.86 -7.68 -2.38
N THR A 34 5.05 -8.11 -3.35
CA THR A 34 5.54 -8.70 -4.59
C THR A 34 5.08 -7.84 -5.74
N ASP A 35 5.68 -8.04 -6.92
CA ASP A 35 5.40 -7.23 -8.09
C ASP A 35 4.28 -7.88 -8.89
N PRO A 36 3.10 -7.25 -8.92
CA PRO A 36 1.95 -7.85 -9.60
C PRO A 36 2.10 -7.97 -11.14
N LEU A 37 3.10 -7.30 -11.74
CA LEU A 37 3.34 -7.43 -13.17
C LEU A 37 4.65 -8.13 -13.44
N ALA A 38 5.25 -8.73 -12.42
CA ALA A 38 6.39 -9.60 -12.67
C ALA A 38 5.89 -10.80 -13.47
N PRO A 39 6.69 -11.25 -14.44
CA PRO A 39 6.33 -12.42 -15.27
C PRO A 39 6.16 -13.68 -14.43
N GLU A 40 5.29 -14.59 -14.83
CA GLU A 40 5.27 -15.92 -14.23
C GLU A 40 6.63 -16.57 -14.50
N GLY A 41 7.28 -17.19 -13.52
CA GLY A 41 6.97 -17.07 -12.11
C GLY A 41 8.20 -16.40 -11.50
N ASP A 42 8.35 -15.11 -11.78
CA ASP A 42 9.17 -14.21 -10.99
C ASP A 42 8.36 -13.95 -9.73
N ASN A 43 8.77 -14.55 -8.63
CA ASN A 43 8.05 -14.40 -7.38
C ASN A 43 8.92 -13.78 -6.31
N ARG A 44 9.76 -12.84 -6.70
CA ARG A 44 10.64 -12.16 -5.77
C ARG A 44 9.83 -11.34 -4.77
N VAL A 45 10.34 -11.30 -3.53
CA VAL A 45 9.74 -10.53 -2.44
C VAL A 45 10.57 -9.28 -2.15
N TRP A 46 9.88 -8.16 -2.05
CA TRP A 46 10.48 -6.86 -1.87
C TRP A 46 10.11 -6.38 -0.48
N TYR A 47 11.07 -5.84 0.25
CA TYR A 47 10.93 -5.75 1.70
C TYR A 47 11.57 -4.45 2.19
N MET A 48 10.79 -3.66 2.93
CA MET A 48 11.24 -2.32 3.32
C MET A 48 11.01 -2.02 4.79
N ASP A 49 12.06 -2.21 5.58
CA ASP A 49 11.97 -2.06 7.04
C ASP A 49 12.04 -0.59 7.43
N GLY A 50 11.10 -0.14 8.26
CA GLY A 50 11.17 1.22 8.77
C GLY A 50 10.26 2.20 8.04
N TYR A 51 10.07 3.37 8.66
CA TYR A 51 9.13 4.37 8.17
C TYR A 51 9.79 5.75 8.06
N HIS A 52 11.00 5.88 8.56
CA HIS A 52 11.57 7.22 8.68
C HIS A 52 12.98 7.31 8.10
N ASN A 53 13.14 8.14 7.07
CA ASN A 53 14.47 8.37 6.49
C ASN A 53 15.25 7.09 6.11
N ASN A 54 14.56 6.04 5.65
CA ASN A 54 15.27 4.79 5.30
C ASN A 54 15.43 4.61 3.80
N ARG A 55 16.44 3.85 3.38
CA ARG A 55 16.80 3.73 1.96
C ARG A 55 16.98 2.28 1.48
N PHE A 56 17.01 1.33 2.41
CA PHE A 56 17.40 0.00 2.02
C PHE A 56 16.19 -0.87 1.72
N VAL A 57 16.21 -1.44 0.51
CA VAL A 57 15.23 -2.39 0.07
C VAL A 57 15.90 -3.74 -0.03
N ARG A 58 15.27 -4.75 0.55
CA ARG A 58 15.74 -6.11 0.42
C ARG A 58 14.98 -6.81 -0.69
N GLU A 59 15.71 -7.59 -1.47
CA GLU A 59 15.13 -8.41 -2.52
C GLU A 59 15.43 -9.88 -2.23
N TYR A 60 14.38 -10.65 -1.94
CA TYR A 60 14.49 -12.09 -1.76
C TYR A 60 14.09 -12.81 -3.03
N LYS A 61 14.77 -13.92 -3.32
CA LYS A 61 14.61 -14.63 -4.57
C LYS A 61 13.21 -15.18 -4.83
N SER A 62 12.52 -15.58 -3.76
CA SER A 62 11.21 -16.18 -3.89
C SER A 62 10.45 -16.12 -2.57
N MET A 63 9.18 -16.47 -2.58
CA MET A 63 8.42 -16.56 -1.33
C MET A 63 9.05 -17.57 -0.39
N VAL A 64 9.48 -18.71 -0.92
CA VAL A 64 10.02 -19.74 -0.04
C VAL A 64 11.40 -19.38 0.49
N ASP A 65 12.19 -18.66 -0.31
CA ASP A 65 13.45 -18.14 0.22
C ASP A 65 13.21 -17.07 1.29
N PHE A 66 12.16 -16.26 1.07
CA PHE A 66 11.80 -15.24 2.04
C PHE A 66 11.46 -15.89 3.38
N MET A 67 10.65 -16.94 3.33
CA MET A 67 10.17 -17.60 4.54
C MET A 67 11.26 -18.40 5.28
N ASN A 68 12.11 -19.05 4.50
CA ASN A 68 13.05 -20.02 5.07
C ASN A 68 14.49 -19.57 5.21
N THR A 69 14.84 -18.42 4.62
CA THR A 69 16.19 -17.88 4.78
C THR A 69 16.22 -16.40 5.13
N ASP A 70 17.43 -15.93 5.39
CA ASP A 70 17.72 -14.52 5.58
C ASP A 70 18.81 -14.12 4.59
N ASN A 71 18.70 -14.65 3.40
CA ASN A 71 19.55 -14.24 2.30
C ASN A 71 18.77 -13.37 1.32
N PHE A 72 19.40 -12.30 0.88
CA PHE A 72 18.75 -11.33 0.01
C PHE A 72 19.74 -10.39 -0.68
N THR A 73 19.32 -9.85 -1.80
CA THR A 73 19.99 -8.75 -2.48
C THR A 73 19.51 -7.40 -1.90
N SER A 74 20.44 -6.50 -1.64
CA SER A 74 20.08 -5.19 -1.10
C SER A 74 20.17 -4.12 -2.18
N HIS A 75 19.20 -3.19 -2.15
CA HIS A 75 19.19 -2.03 -3.02
C HIS A 75 19.18 -0.79 -2.12
N ARG A 76 19.99 0.20 -2.47
CA ARG A 76 19.97 1.43 -1.69
C ARG A 76 19.42 2.59 -2.50
N LEU A 77 18.19 3.02 -2.18
CA LEU A 77 17.54 4.15 -2.85
C LEU A 77 18.35 5.44 -2.74
N PRO A 78 18.52 6.16 -3.86
CA PRO A 78 19.28 7.42 -3.80
C PRO A 78 18.57 8.49 -2.97
N HIS A 79 17.26 8.32 -2.74
CA HIS A 79 16.58 9.15 -1.76
C HIS A 79 15.89 8.26 -0.78
N PRO A 80 15.77 8.71 0.46
CA PRO A 80 15.12 7.94 1.51
C PRO A 80 13.60 8.13 1.42
N TRP A 81 12.82 7.20 1.98
CA TRP A 81 11.38 7.27 1.92
C TRP A 81 10.77 7.73 3.26
N SER A 82 9.50 8.15 3.22
CA SER A 82 8.70 8.27 4.43
C SER A 82 7.58 7.25 4.42
N GLY A 83 7.29 6.71 5.61
CA GLY A 83 6.11 5.90 5.77
C GLY A 83 6.31 4.47 5.28
N THR A 84 5.19 3.78 5.04
CA THR A 84 5.20 2.39 4.63
C THR A 84 4.37 2.15 3.38
N GLY A 85 4.09 3.23 2.65
CA GLY A 85 3.17 3.19 1.53
C GLY A 85 3.79 2.96 0.16
N GLN A 86 4.94 2.28 0.08
CA GLN A 86 5.56 2.01 -1.22
C GLN A 86 4.78 0.95 -2.00
N VAL A 87 5.03 0.87 -3.30
CA VAL A 87 4.48 -0.22 -4.09
C VAL A 87 5.48 -0.57 -5.19
N VAL A 88 5.59 -1.85 -5.51
CA VAL A 88 6.47 -2.30 -6.57
C VAL A 88 5.58 -2.67 -7.75
N TYR A 89 5.96 -2.18 -8.91
CA TYR A 89 5.06 -2.27 -10.04
C TYR A 89 5.86 -2.32 -11.31
N ASN A 90 5.74 -3.43 -12.02
CA ASN A 90 6.37 -3.61 -13.32
C ASN A 90 7.86 -3.29 -13.30
N GLY A 91 8.54 -3.80 -12.27
CA GLY A 91 9.98 -3.68 -12.16
C GLY A 91 10.49 -2.38 -11.58
N SER A 92 9.58 -1.54 -11.11
CA SER A 92 9.97 -0.30 -10.43
C SER A 92 9.40 -0.23 -9.02
N ILE A 93 10.10 0.49 -8.14
CA ILE A 93 9.58 0.81 -6.81
C ILE A 93 9.09 2.27 -6.80
N TYR A 94 7.86 2.46 -6.36
CA TYR A 94 7.27 3.78 -6.29
C TYR A 94 7.19 4.15 -4.83
N PHE A 95 7.67 5.34 -4.48
CA PHE A 95 7.68 5.71 -3.06
C PHE A 95 7.62 7.21 -2.85
N ASN A 96 7.29 7.59 -1.62
CA ASN A 96 7.20 8.97 -1.20
C ASN A 96 8.54 9.42 -0.63
N LYS A 97 9.16 10.39 -1.28
CA LYS A 97 10.45 10.91 -0.83
C LYS A 97 10.35 11.43 0.60
N PHE A 98 11.33 11.09 1.45
CA PHE A 98 11.40 11.57 2.83
C PHE A 98 11.06 13.07 2.98
N GLN A 99 10.15 13.37 3.89
CA GLN A 99 9.79 14.76 4.22
C GLN A 99 9.42 15.61 3.02
N SER A 100 8.58 15.07 2.14
CA SER A 100 8.13 15.81 0.97
C SER A 100 6.83 15.20 0.46
N HIS A 101 6.17 15.86 -0.48
CA HIS A 101 5.10 15.17 -1.19
C HIS A 101 5.61 14.85 -2.57
N ILE A 102 6.91 14.56 -2.65
CA ILE A 102 7.51 14.12 -3.90
C ILE A 102 7.38 12.60 -4.06
N ILE A 103 6.97 12.15 -5.24
CA ILE A 103 6.88 10.73 -5.54
C ILE A 103 8.00 10.32 -6.45
N ILE A 104 8.59 9.16 -6.20
CA ILE A 104 9.74 8.71 -6.98
C ILE A 104 9.56 7.34 -7.61
N ARG A 105 9.85 7.25 -8.91
CA ARG A 105 9.92 5.98 -9.61
C ARG A 105 11.38 5.50 -9.74
N PHE A 106 11.70 4.43 -9.02
CA PHE A 106 13.05 3.90 -9.04
C PHE A 106 13.05 2.56 -9.78
N ASP A 107 13.73 2.54 -10.91
CA ASP A 107 13.76 1.39 -11.80
C ASP A 107 14.74 0.34 -11.28
N LEU A 108 14.23 -0.85 -10.99
CA LEU A 108 15.06 -1.91 -10.41
C LEU A 108 15.94 -2.61 -11.45
N LYS A 109 15.60 -2.48 -12.73
CA LYS A 109 16.37 -3.13 -13.78
C LYS A 109 17.67 -2.36 -14.06
N THR A 110 17.61 -1.04 -13.96
CA THR A 110 18.76 -0.18 -14.20
C THR A 110 19.34 0.36 -12.91
N GLU A 111 18.59 0.19 -11.82
CA GLU A 111 18.98 0.66 -10.49
C GLU A 111 19.16 2.19 -10.49
N THR A 112 18.25 2.88 -11.17
CA THR A 112 18.27 4.34 -11.24
C THR A 112 16.90 4.94 -11.08
N ILE A 113 16.88 6.21 -10.68
CA ILE A 113 15.64 6.97 -10.67
C ILE A 113 15.26 7.30 -12.10
N LEU A 114 13.99 7.09 -12.45
CA LEU A 114 13.49 7.32 -13.80
C LEU A 114 12.61 8.54 -13.84
N LYS A 115 11.95 8.79 -12.73
CA LYS A 115 11.05 9.90 -12.68
C LYS A 115 10.82 10.41 -11.27
N THR A 116 10.61 11.72 -11.18
CA THR A 116 10.39 12.38 -9.92
C THR A 116 9.27 13.35 -10.16
N ARG A 117 8.34 13.45 -9.23
CA ARG A 117 7.31 14.45 -9.41
C ARG A 117 6.56 14.75 -8.12
N SER A 118 6.20 16.02 -7.97
CA SER A 118 5.41 16.50 -6.85
C SER A 118 3.98 15.98 -6.94
N LEU A 119 3.47 15.44 -5.84
CA LEU A 119 2.06 15.10 -5.75
C LEU A 119 1.33 16.34 -5.22
N ASP A 120 0.77 17.11 -6.14
CA ASP A 120 0.19 18.44 -5.86
C ASP A 120 -0.74 18.46 -4.66
N TYR A 121 -0.49 19.37 -3.74
CA TYR A 121 -1.39 19.60 -2.63
C TYR A 121 -1.42 18.48 -1.56
N ALA A 122 -0.74 17.37 -1.81
CA ALA A 122 -0.70 16.30 -0.81
C ALA A 122 -0.03 16.73 0.49
N GLY A 123 -0.70 16.48 1.60
CA GLY A 123 -0.07 16.64 2.89
C GLY A 123 1.05 15.64 3.09
N TYR A 124 2.03 16.01 3.92
CA TYR A 124 3.21 15.17 4.15
C TYR A 124 3.82 15.53 5.49
N ASN A 125 4.79 14.72 5.91
CA ASN A 125 5.49 14.91 7.19
C ASN A 125 4.52 14.82 8.37
N ASN A 126 3.76 13.73 8.42
CA ASN A 126 2.79 13.47 9.48
C ASN A 126 1.67 14.49 9.58
N MET A 127 1.30 15.08 8.45
CA MET A 127 0.13 15.95 8.37
C MET A 127 -1.15 15.11 8.26
N TYR A 128 -1.20 14.21 7.27
CA TYR A 128 -2.35 13.33 7.06
C TYR A 128 -1.93 11.84 7.04
N HIS A 129 -1.08 11.49 7.99
CA HIS A 129 -0.81 10.09 8.30
C HIS A 129 -2.12 9.34 8.47
N TYR A 130 -2.11 8.05 8.15
CA TYR A 130 -3.05 7.12 8.74
C TYR A 130 -2.96 7.19 10.26
N ALA A 131 -3.97 6.64 10.93
CA ALA A 131 -4.06 6.69 12.38
C ALA A 131 -2.81 6.14 13.07
N TRP A 132 -2.08 5.21 12.45
CA TRP A 132 -0.96 4.61 13.17
C TRP A 132 0.24 5.57 13.20
N GLY A 133 0.15 6.69 12.48
CA GLY A 133 1.22 7.68 12.45
C GLY A 133 2.28 7.31 11.43
N GLY A 134 3.55 7.49 11.81
CA GLY A 134 4.66 6.98 11.01
C GLY A 134 4.90 7.60 9.64
N HIS A 135 4.55 8.87 9.48
CA HIS A 135 4.74 9.61 8.23
C HIS A 135 4.07 8.92 7.06
N SER A 136 2.93 8.28 7.33
CA SER A 136 2.24 7.47 6.35
C SER A 136 1.25 8.28 5.51
N ASP A 137 1.57 9.55 5.28
CA ASP A 137 0.69 10.51 4.59
C ASP A 137 0.28 10.10 3.19
N ILE A 138 1.21 9.48 2.46
CA ILE A 138 0.95 9.15 1.07
C ILE A 138 1.14 7.64 0.85
N ASP A 139 0.10 6.99 0.34
CA ASP A 139 0.10 5.53 0.17
C ASP A 139 -0.08 5.18 -1.30
N LEU A 140 0.92 4.55 -1.90
CA LEU A 140 0.85 4.16 -3.32
C LEU A 140 0.47 2.68 -3.45
N MET A 141 -0.39 2.34 -4.40
CA MET A 141 -0.83 0.94 -4.51
C MET A 141 -1.25 0.63 -5.91
N VAL A 142 -1.41 -0.65 -6.20
CA VAL A 142 -1.71 -1.08 -7.55
C VAL A 142 -2.93 -1.96 -7.49
N ASP A 143 -3.86 -1.82 -8.44
CA ASP A 143 -4.97 -2.78 -8.51
C ASP A 143 -5.13 -3.29 -9.94
N GLU A 144 -6.30 -3.88 -10.25
CA GLU A 144 -6.54 -4.51 -11.54
C GLU A 144 -6.31 -3.56 -12.72
N SER A 145 -6.50 -2.26 -12.49
CA SER A 145 -6.44 -1.29 -13.59
C SER A 145 -5.21 -0.38 -13.57
N GLY A 146 -4.34 -0.51 -12.57
CA GLY A 146 -3.15 0.33 -12.54
C GLY A 146 -2.72 0.93 -11.20
N LEU A 147 -1.96 2.01 -11.28
CA LEU A 147 -1.32 2.69 -10.12
C LEU A 147 -2.22 3.80 -9.52
N TRP A 148 -2.19 3.91 -8.19
CA TRP A 148 -2.99 4.86 -7.47
C TRP A 148 -2.17 5.54 -6.38
N ALA A 149 -2.62 6.71 -5.96
CA ALA A 149 -2.09 7.37 -4.76
C ALA A 149 -3.24 7.70 -3.83
N VAL A 150 -3.03 7.41 -2.54
CA VAL A 150 -4.05 7.64 -1.53
C VAL A 150 -3.45 8.56 -0.49
N TYR A 151 -4.08 9.71 -0.31
CA TYR A 151 -3.49 10.76 0.48
C TYR A 151 -4.61 11.66 1.00
N ALA A 152 -4.29 12.91 1.33
CA ALA A 152 -5.30 13.90 1.65
C ALA A 152 -4.75 15.31 1.38
N THR A 153 -5.63 16.30 1.36
CA THR A 153 -5.26 17.68 1.04
C THR A 153 -5.98 18.64 1.99
N ASN A 154 -5.50 19.88 2.10
CA ASN A 154 -6.22 20.90 2.88
C ASN A 154 -7.57 21.18 2.27
N GLN A 155 -7.59 21.22 0.94
CA GLN A 155 -8.82 21.52 0.24
C GLN A 155 -9.88 20.43 0.44
N ASN A 156 -9.48 19.18 0.62
CA ASN A 156 -10.45 18.17 1.01
C ASN A 156 -10.54 18.01 2.53
N ALA A 157 -10.10 19.05 3.26
CA ALA A 157 -10.30 19.11 4.72
C ALA A 157 -9.66 17.93 5.48
N GLY A 158 -8.63 17.32 4.91
CA GLY A 158 -7.94 16.24 5.59
C GLY A 158 -8.59 14.90 5.31
N ASN A 159 -9.67 14.90 4.53
CA ASN A 159 -10.27 13.64 4.15
C ASN A 159 -9.50 12.98 3.00
N ILE A 160 -9.53 11.67 2.98
CA ILE A 160 -8.77 10.92 2.00
C ILE A 160 -9.15 11.35 0.58
N VAL A 161 -8.11 11.59 -0.20
CA VAL A 161 -8.20 11.84 -1.62
C VAL A 161 -7.60 10.61 -2.33
N VAL A 162 -8.23 10.18 -3.41
CA VAL A 162 -7.75 9.04 -4.20
C VAL A 162 -7.46 9.54 -5.60
N SER A 163 -6.27 9.29 -6.12
CA SER A 163 -5.96 9.63 -7.50
C SER A 163 -5.39 8.47 -8.29
N ARG A 164 -5.86 8.30 -9.51
CA ARG A 164 -5.16 7.44 -10.44
C ARG A 164 -3.88 8.13 -10.86
N LEU A 165 -2.82 7.35 -10.95
CA LEU A 165 -1.47 7.82 -11.22
C LEU A 165 -0.91 7.16 -12.48
N ASP A 166 -0.30 7.92 -13.37
CA ASP A 166 0.37 7.28 -14.49
C ASP A 166 1.73 6.74 -14.05
N PRO A 167 1.97 5.44 -14.27
CA PRO A 167 3.21 4.82 -13.81
C PRO A 167 4.48 5.28 -14.54
N VAL A 168 4.34 6.01 -15.63
CA VAL A 168 5.52 6.50 -16.33
C VAL A 168 5.75 7.97 -16.02
N SER A 169 4.69 8.77 -16.20
CA SER A 169 4.84 10.20 -16.02
C SER A 169 4.70 10.58 -14.55
N LEU A 170 4.08 9.69 -13.75
CA LEU A 170 3.67 9.99 -12.37
C LEU A 170 2.68 11.15 -12.30
N GLN A 171 2.06 11.51 -13.42
CA GLN A 171 1.03 12.53 -13.37
C GLN A 171 -0.30 11.94 -12.94
N THR A 172 -1.13 12.79 -12.35
CA THR A 172 -2.46 12.45 -11.92
C THR A 172 -3.39 12.40 -13.14
N LEU A 173 -4.17 11.33 -13.20
CA LEU A 173 -5.06 11.03 -14.32
C LEU A 173 -6.52 11.33 -14.00
N GLN A 174 -6.87 11.16 -12.73
CA GLN A 174 -8.19 11.46 -12.22
C GLN A 174 -8.10 11.42 -10.70
N THR A 175 -8.93 12.23 -10.04
CA THR A 175 -8.92 12.41 -8.60
C THR A 175 -10.33 12.29 -8.04
N TRP A 176 -10.49 11.60 -6.92
CA TRP A 176 -11.74 11.56 -6.19
C TRP A 176 -11.54 12.04 -4.77
N ASN A 177 -12.45 12.87 -4.30
CA ASN A 177 -12.47 13.31 -2.91
C ASN A 177 -13.45 12.50 -2.09
N THR A 178 -12.96 11.79 -1.08
CA THR A 178 -13.84 11.06 -0.19
C THR A 178 -14.24 11.89 1.02
N SER A 179 -15.07 11.29 1.85
CA SER A 179 -15.58 11.91 3.07
C SER A 179 -14.83 11.41 4.32
N TYR A 180 -13.81 10.57 4.14
CA TYR A 180 -13.18 9.89 5.27
C TYR A 180 -11.90 10.59 5.77
N PRO A 181 -11.85 11.00 7.06
CA PRO A 181 -10.63 11.66 7.56
C PRO A 181 -9.46 10.69 7.60
N LYS A 182 -8.41 10.97 6.84
CA LYS A 182 -7.31 10.00 6.70
C LYS A 182 -6.69 9.62 8.05
N ARG A 183 -6.53 10.62 8.91
CA ARG A 183 -5.94 10.38 10.23
C ARG A 183 -6.80 9.51 11.14
N SER A 184 -8.06 9.31 10.78
CA SER A 184 -8.89 8.32 11.50
C SER A 184 -8.84 6.93 10.86
N ALA A 185 -8.24 6.80 9.69
CA ALA A 185 -8.17 5.51 9.00
C ALA A 185 -6.96 4.73 9.51
N GLY A 186 -7.16 3.45 9.81
CA GLY A 186 -6.01 2.64 10.22
C GLY A 186 -5.11 2.46 9.01
N GLU A 187 -5.75 2.23 7.86
CA GLU A 187 -5.06 1.98 6.60
C GLU A 187 -6.10 1.87 5.51
N ALA A 188 -5.65 1.73 4.26
CA ALA A 188 -6.58 1.66 3.13
C ALA A 188 -5.97 0.90 1.95
N PHE A 189 -6.83 0.27 1.16
CA PHE A 189 -6.36 -0.46 0.01
C PHE A 189 -7.46 -0.40 -1.06
N ILE A 190 -7.08 -0.69 -2.29
CA ILE A 190 -8.00 -0.62 -3.41
C ILE A 190 -8.13 -1.96 -4.10
N ILE A 191 -9.37 -2.42 -4.27
CA ILE A 191 -9.68 -3.60 -5.06
C ILE A 191 -10.69 -3.22 -6.11
N CYS A 192 -10.36 -3.50 -7.38
CA CYS A 192 -11.25 -3.17 -8.51
C CYS A 192 -11.79 -1.75 -8.50
N GLY A 193 -10.95 -0.76 -8.23
CA GLY A 193 -11.38 0.62 -8.29
C GLY A 193 -12.17 1.07 -7.05
N THR A 194 -12.34 0.18 -6.08
CA THR A 194 -12.99 0.55 -4.82
C THR A 194 -11.98 0.70 -3.69
N LEU A 195 -11.99 1.87 -3.06
CA LEU A 195 -11.12 2.11 -1.91
C LEU A 195 -11.76 1.54 -0.63
N TYR A 196 -11.06 0.62 0.05
CA TYR A 196 -11.52 0.12 1.34
C TYR A 196 -10.65 0.69 2.46
N VAL A 197 -11.30 1.15 3.52
CA VAL A 197 -10.61 1.83 4.60
C VAL A 197 -10.89 1.11 5.90
N THR A 198 -9.88 0.89 6.72
CA THR A 198 -10.06 0.21 8.00
C THR A 198 -10.34 1.16 9.16
N ASN A 199 -10.94 0.66 10.24
CA ASN A 199 -11.35 1.50 11.37
C ASN A 199 -10.23 1.78 12.37
N GLY A 200 -9.10 1.09 12.22
CA GLY A 200 -8.01 1.27 13.17
C GLY A 200 -6.86 0.32 12.90
N TYR A 201 -5.82 0.40 13.73
CA TYR A 201 -4.59 -0.36 13.51
C TYR A 201 -4.35 -1.36 14.62
N SER A 202 -5.37 -1.61 15.44
CA SER A 202 -5.22 -2.51 16.57
C SER A 202 -6.53 -3.06 17.15
N GLY A 203 -7.67 -2.79 16.54
CA GLY A 203 -8.95 -3.24 17.10
C GLY A 203 -9.06 -4.75 17.34
N GLY A 204 -10.25 -5.32 17.18
CA GLY A 204 -11.42 -4.60 16.75
C GLY A 204 -11.36 -4.23 15.29
N THR A 205 -10.34 -4.71 14.57
CA THR A 205 -10.09 -4.20 13.22
C THR A 205 -11.14 -4.68 12.22
N LYS A 206 -11.54 -3.77 11.35
CA LYS A 206 -12.41 -4.14 10.24
C LYS A 206 -12.36 -3.11 9.14
N VAL A 207 -12.72 -3.54 7.94
CA VAL A 207 -13.02 -2.62 6.88
C VAL A 207 -14.43 -2.09 7.12
N HIS A 208 -14.56 -0.77 7.28
CA HIS A 208 -15.90 -0.24 7.57
C HIS A 208 -16.32 0.91 6.65
N TYR A 209 -15.53 1.18 5.63
CA TYR A 209 -15.89 2.21 4.64
C TYR A 209 -15.38 1.80 3.25
N ALA A 210 -16.24 1.92 2.24
CA ALA A 210 -15.85 1.63 0.88
C ALA A 210 -16.20 2.84 0.03
N TYR A 211 -15.24 3.26 -0.79
CA TYR A 211 -15.53 4.30 -1.75
C TYR A 211 -15.33 3.77 -3.15
N GLN A 212 -16.42 3.73 -3.90
CA GLN A 212 -16.44 3.16 -5.24
C GLN A 212 -16.14 4.24 -6.28
N THR A 213 -14.94 4.23 -6.88
CA THR A 213 -14.55 5.31 -7.77
C THR A 213 -15.37 5.35 -9.06
N ASN A 214 -15.79 4.19 -9.55
CA ASN A 214 -16.57 4.15 -10.79
C ASN A 214 -17.94 4.80 -10.62
N ALA A 215 -18.34 5.03 -9.37
CA ALA A 215 -19.66 5.63 -9.09
C ALA A 215 -19.59 6.84 -8.15
N SER A 216 -18.38 7.20 -7.75
CA SER A 216 -18.15 8.32 -6.85
C SER A 216 -19.01 8.20 -5.61
N THR A 217 -19.27 6.97 -5.17
CA THR A 217 -20.18 6.73 -4.06
C THR A 217 -19.49 6.00 -2.94
N TYR A 218 -19.79 6.35 -1.70
CA TYR A 218 -19.28 5.58 -0.58
C TYR A 218 -20.39 4.88 0.19
N GLU A 219 -19.98 3.93 1.01
CA GLU A 219 -20.90 3.10 1.77
C GLU A 219 -20.23 2.69 3.06
N TYR A 220 -21.00 2.62 4.14
CA TYR A 220 -20.52 2.04 5.40
C TYR A 220 -20.73 0.54 5.37
N ILE A 221 -19.68 -0.22 5.62
CA ILE A 221 -19.78 -1.67 5.54
C ILE A 221 -19.10 -2.28 6.76
N ASP A 222 -19.09 -3.60 6.83
CA ASP A 222 -18.53 -4.28 8.00
C ASP A 222 -17.92 -5.61 7.59
N ILE A 223 -16.61 -5.58 7.34
CA ILE A 223 -15.87 -6.76 6.94
C ILE A 223 -14.70 -6.92 7.90
N PRO A 224 -14.92 -7.63 9.00
CA PRO A 224 -13.90 -7.68 10.05
C PRO A 224 -12.72 -8.54 9.63
N PHE A 225 -11.57 -8.27 10.21
CA PHE A 225 -10.43 -9.14 9.96
C PHE A 225 -9.54 -9.12 11.17
N GLN A 226 -8.75 -10.17 11.32
CA GLN A 226 -8.02 -10.42 12.54
C GLN A 226 -6.66 -9.78 12.52
N ASN A 227 -6.40 -9.03 13.58
CA ASN A 227 -5.14 -8.35 13.80
C ASN A 227 -4.35 -9.21 14.78
N LYS A 228 -3.72 -10.27 14.26
CA LYS A 228 -3.07 -11.24 15.12
C LYS A 228 -2.01 -10.70 16.09
N TYR A 229 -1.17 -9.75 15.67
CA TYR A 229 -0.06 -9.35 16.53
C TYR A 229 -0.22 -7.92 17.07
N SER A 230 -1.44 -7.40 16.97
CA SER A 230 -1.87 -6.19 17.69
C SER A 230 -1.45 -4.82 17.13
N HIS A 231 -0.68 -4.77 16.06
CA HIS A 231 -0.40 -3.48 15.40
C HIS A 231 -0.13 -3.69 13.93
N ILE A 232 -0.92 -3.03 13.09
CA ILE A 232 -0.78 -3.04 11.63
C ILE A 232 -0.31 -1.68 11.12
N SER A 233 0.82 -1.65 10.43
CA SER A 233 1.40 -0.40 9.91
C SER A 233 1.48 -0.36 8.39
N MET A 234 1.03 -1.42 7.73
CA MET A 234 1.00 -1.48 6.29
C MET A 234 -0.03 -2.51 5.84
N LEU A 235 -0.75 -2.21 4.76
CA LEU A 235 -1.81 -3.09 4.29
C LEU A 235 -2.15 -2.70 2.88
N ASP A 236 -1.81 -3.56 1.91
CA ASP A 236 -2.08 -3.26 0.49
C ASP A 236 -2.58 -4.50 -0.22
N TYR A 237 -3.44 -4.31 -1.21
CA TYR A 237 -3.87 -5.38 -2.12
C TYR A 237 -2.92 -5.56 -3.29
N ASN A 238 -2.73 -6.82 -3.67
CA ASN A 238 -1.99 -7.21 -4.87
C ASN A 238 -2.94 -7.89 -5.88
N PRO A 239 -3.13 -7.28 -7.07
CA PRO A 239 -4.10 -7.84 -8.03
C PRO A 239 -3.69 -9.19 -8.60
N LYS A 240 -2.39 -9.49 -8.63
CA LYS A 240 -1.89 -10.73 -9.24
C LYS A 240 -2.13 -11.87 -8.27
N ASP A 241 -1.76 -11.63 -7.00
CA ASP A 241 -1.91 -12.57 -5.91
C ASP A 241 -3.31 -12.65 -5.35
N ARG A 242 -4.11 -11.61 -5.62
CA ARG A 242 -5.44 -11.49 -5.03
C ARG A 242 -5.40 -11.58 -3.50
N ALA A 243 -4.29 -11.13 -2.92
CA ALA A 243 -4.12 -11.12 -1.47
C ALA A 243 -3.83 -9.73 -0.94
N LEU A 244 -4.09 -9.57 0.36
CA LEU A 244 -3.65 -8.43 1.14
C LEU A 244 -2.31 -8.72 1.80
N TYR A 245 -1.34 -7.83 1.59
CA TYR A 245 -0.04 -7.91 2.25
C TYR A 245 -0.05 -6.92 3.39
N ALA A 246 0.45 -7.35 4.54
CA ALA A 246 0.43 -6.51 5.72
C ALA A 246 1.71 -6.64 6.52
N TRP A 247 2.10 -5.56 7.17
CA TRP A 247 3.16 -5.59 8.16
C TRP A 247 2.51 -5.49 9.53
N ASN A 248 2.69 -6.53 10.33
CA ASN A 248 1.96 -6.63 11.58
C ASN A 248 2.92 -6.69 12.74
N ASN A 249 3.38 -5.53 13.21
CA ASN A 249 4.18 -5.48 14.43
C ASN A 249 5.44 -6.37 14.30
N GLY A 250 6.20 -6.18 13.23
CA GLY A 250 7.36 -7.04 13.02
C GLY A 250 7.04 -8.42 12.52
N HIS A 251 5.82 -8.63 12.01
CA HIS A 251 5.47 -9.85 11.29
C HIS A 251 4.93 -9.49 9.91
N GLN A 252 5.37 -10.22 8.90
CA GLN A 252 4.87 -10.04 7.53
C GLN A 252 3.82 -11.09 7.29
N ILE A 253 2.59 -10.63 7.04
CA ILE A 253 1.46 -11.54 6.97
C ILE A 253 0.68 -11.37 5.66
N LEU A 254 -0.08 -12.40 5.29
CA LEU A 254 -0.94 -12.38 4.13
C LEU A 254 -2.34 -12.66 4.56
N TYR A 255 -3.29 -11.99 3.93
CA TYR A 255 -4.68 -12.41 3.98
C TYR A 255 -5.17 -12.75 2.59
N ASN A 256 -5.87 -13.86 2.44
CA ASN A 256 -6.64 -14.11 1.24
C ASN A 256 -7.95 -13.36 1.36
N VAL A 257 -8.60 -13.07 0.24
CA VAL A 257 -9.89 -12.38 0.25
C VAL A 257 -10.88 -13.12 -0.63
N THR A 258 -12.16 -12.87 -0.41
CA THR A 258 -13.16 -13.37 -1.33
C THR A 258 -13.78 -12.15 -1.96
N LEU A 259 -14.04 -12.22 -3.26
CA LEU A 259 -14.73 -11.16 -4.00
C LEU A 259 -16.01 -11.75 -4.54
N PHE A 260 -17.06 -10.94 -4.66
CA PHE A 260 -18.31 -11.40 -5.29
C PHE A 260 -18.39 -10.77 -6.67
N HIS A 261 -18.78 -11.57 -7.66
CA HIS A 261 -18.74 -11.15 -9.05
C HIS A 261 -20.10 -11.25 -9.69
N VAL A 262 -20.42 -10.28 -10.54
CA VAL A 262 -21.68 -10.28 -11.26
C VAL A 262 -21.37 -10.13 -12.74
N ILE A 263 -21.57 -11.21 -13.49
CA ILE A 263 -21.25 -11.24 -14.91
C ILE A 263 -22.51 -11.31 -15.78
#